data_1OQX
#
_entry.id   1OQX
#
_cell.length_a   87.430
_cell.length_b   125.680
_cell.length_c   53.640
_cell.angle_alpha   90.00
_cell.angle_beta   90.00
_cell.angle_gamma   90.00
#
_symmetry.space_group_name_H-M   'P 21 21 2'
#
loop_
_entity.id
_entity.type
_entity.pdbx_description
1 polymer 'immunoglobulin gamma-1 heavy chain constant region'
2 polymer 'Protein A Z34C'
3 branched alpha-D-mannopyranose-(1-3)-[alpha-D-mannopyranose-(1-6)]beta-D-mannopyranose-(1-4)-2-acetamido-2-deoxy-beta-D-glucopyranose-(1-4)-[beta-L-fucopyranose-(1-6)]2-acetamido-2-deoxy-beta-D-glucopyranose
4 branched alpha-D-mannopyranose-(1-3)-[beta-D-mannopyranose-(1-6)]beta-D-mannopyranose-(1-4)-2-acetamido-2-deoxy-beta-D-glucopyranose-(1-4)-[alpha-L-fucopyranose-(1-6)]2-acetamido-2-deoxy-beta-D-glucopyranose
5 water water
#
loop_
_entity_poly.entity_id
_entity_poly.type
_entity_poly.pdbx_seq_one_letter_code
_entity_poly.pdbx_strand_id
1 'polypeptide(L)'
;GGPSVFLFPPKPKDTLMISRTPEVTCVVVDVSHEDPEVKFNWYVDGVEVHNAKTKPREEQYNSTYRVVSVLTVLHQDWLN
GKEYKCKVSNKALPAPIEKTISKAKGQPREPQVYTLPPSRDELTKNQVSLTCLVKGFYPSDIAVEWESNGQPENNYKTTP
PVLDSDGSFFLYSKLTVDKSRWQQGNVFSCSVMHEALHNHYTQKSLSLSPGK
;
A,B
2 'polypeptide(L)' FNMQCQRRFYEALHDPNLNEEQRNAKIKSIRDDC C,D
#
# COMPACT_ATOMS: atom_id res chain seq x y z
N GLY A 1 31.40 3.06 -1.53
CA GLY A 1 31.05 3.88 -2.73
C GLY A 1 31.03 3.10 -4.03
N GLY A 2 30.09 3.44 -4.91
CA GLY A 2 29.99 2.76 -6.18
C GLY A 2 28.56 2.83 -6.63
N PRO A 3 28.30 3.00 -7.93
CA PRO A 3 26.95 3.09 -8.47
C PRO A 3 25.98 2.06 -7.88
N SER A 4 24.69 2.43 -7.82
CA SER A 4 23.66 1.54 -7.30
C SER A 4 22.74 1.10 -8.43
N VAL A 5 22.19 -0.11 -8.31
CA VAL A 5 21.32 -0.63 -9.36
C VAL A 5 19.95 -1.13 -8.89
N PHE A 6 18.93 -0.83 -9.71
CA PHE A 6 17.53 -1.21 -9.46
C PHE A 6 16.88 -1.77 -10.72
N LEU A 7 16.33 -2.97 -10.61
CA LEU A 7 15.67 -3.64 -11.72
C LEU A 7 14.16 -3.53 -11.52
N PHE A 8 13.47 -3.04 -12.53
CA PHE A 8 12.03 -2.89 -12.44
C PHE A 8 11.31 -3.78 -13.44
N PRO A 9 10.27 -4.50 -13.00
CA PRO A 9 9.48 -5.41 -13.82
C PRO A 9 8.61 -4.67 -14.82
N PRO A 10 7.94 -5.41 -15.70
CA PRO A 10 7.10 -4.69 -16.65
C PRO A 10 5.78 -4.37 -15.98
N LYS A 11 4.94 -3.58 -16.64
CA LYS A 11 3.66 -3.23 -16.06
C LYS A 11 2.65 -4.38 -16.23
N PRO A 12 1.84 -4.67 -15.20
CA PRO A 12 0.86 -5.76 -15.34
C PRO A 12 0.15 -5.78 -16.69
N LYS A 13 -0.46 -4.67 -17.06
CA LYS A 13 -1.17 -4.57 -18.34
C LYS A 13 -0.31 -4.84 -19.58
N ASP A 14 0.99 -4.59 -19.49
CA ASP A 14 1.85 -4.81 -20.63
C ASP A 14 2.16 -6.28 -20.90
N THR A 15 2.13 -7.10 -19.86
CA THR A 15 2.42 -8.52 -20.04
C THR A 15 1.14 -9.29 -20.40
N LEU A 16 -0.01 -8.76 -20.02
CA LEU A 16 -1.31 -9.40 -20.29
C LEU A 16 -1.96 -9.08 -21.65
N MET A 17 -1.96 -7.81 -22.06
CA MET A 17 -2.54 -7.42 -23.35
C MET A 17 -1.48 -7.61 -24.44
N ILE A 18 -1.81 -8.39 -25.47
CA ILE A 18 -0.85 -8.64 -26.57
C ILE A 18 -0.51 -7.38 -27.37
N SER A 19 -1.35 -6.36 -27.24
CA SER A 19 -1.16 -5.07 -27.89
C SER A 19 0.14 -4.38 -27.41
N ARG A 20 0.26 -4.22 -26.09
CA ARG A 20 1.42 -3.57 -25.48
C ARG A 20 2.73 -4.31 -25.65
N THR A 21 3.79 -3.70 -25.12
CA THR A 21 5.12 -4.25 -25.18
C THR A 21 5.74 -4.12 -23.79
N PRO A 22 5.86 -5.25 -23.10
CA PRO A 22 6.42 -5.33 -21.74
C PRO A 22 7.94 -5.19 -21.76
N GLU A 23 8.46 -4.44 -20.79
CA GLU A 23 9.90 -4.25 -20.71
C GLU A 23 10.39 -4.21 -19.28
N VAL A 24 11.53 -4.83 -19.07
CA VAL A 24 12.17 -4.86 -17.77
C VAL A 24 13.17 -3.70 -17.83
N THR A 25 13.23 -2.91 -16.76
CA THR A 25 14.08 -1.74 -16.73
C THR A 25 15.23 -1.74 -15.72
N CYS A 26 16.45 -1.53 -16.22
CA CYS A 26 17.62 -1.48 -15.38
C CYS A 26 18.08 -0.04 -15.24
N VAL A 27 18.03 0.46 -14.01
CA VAL A 27 18.41 1.84 -13.67
C VAL A 27 19.68 1.90 -12.83
N VAL A 28 20.64 2.73 -13.24
CA VAL A 28 21.90 2.87 -12.50
C VAL A 28 22.10 4.28 -12.01
N VAL A 29 22.27 4.41 -10.70
CA VAL A 29 22.48 5.71 -10.09
C VAL A 29 23.86 5.78 -9.50
N ASP A 30 24.31 6.99 -9.19
CA ASP A 30 25.61 7.21 -8.59
C ASP A 30 26.79 7.02 -9.53
N VAL A 31 26.64 7.37 -10.80
CA VAL A 31 27.75 7.23 -11.72
C VAL A 31 28.62 8.50 -11.55
N SER A 32 29.94 8.34 -11.54
CA SER A 32 30.89 9.45 -11.34
C SER A 32 31.31 10.15 -12.61
N HIS A 33 31.54 11.46 -12.50
CA HIS A 33 31.93 12.28 -13.64
C HIS A 33 33.21 11.81 -14.36
N GLU A 34 34.27 11.64 -13.58
CA GLU A 34 35.55 11.19 -14.11
C GLU A 34 35.58 9.69 -14.33
N ASP A 35 34.64 8.98 -13.71
CA ASP A 35 34.50 7.51 -13.85
C ASP A 35 33.07 7.25 -14.34
N PRO A 36 32.70 7.77 -15.52
CA PRO A 36 31.37 7.66 -16.10
C PRO A 36 30.93 6.59 -17.08
N GLU A 37 31.76 5.59 -17.33
CA GLU A 37 31.41 4.57 -18.31
C GLU A 37 30.53 3.44 -17.79
N VAL A 38 29.36 3.22 -18.41
CA VAL A 38 28.45 2.15 -17.96
C VAL A 38 28.18 1.08 -19.00
N LYS A 39 28.40 -0.18 -18.64
CA LYS A 39 28.16 -1.28 -19.56
C LYS A 39 27.10 -2.22 -19.02
N PHE A 40 26.10 -2.50 -19.84
CA PHE A 40 25.03 -3.39 -19.42
C PHE A 40 25.18 -4.75 -20.08
N ASN A 41 24.71 -5.79 -19.40
CA ASN A 41 24.73 -7.13 -19.93
C ASN A 41 23.42 -7.72 -19.46
N TRP A 42 22.62 -8.17 -20.41
CA TRP A 42 21.31 -8.72 -20.09
C TRP A 42 21.24 -10.22 -20.26
N TYR A 43 20.54 -10.88 -19.35
CA TYR A 43 20.40 -12.33 -19.42
C TYR A 43 19.00 -12.84 -19.09
N VAL A 44 18.51 -13.75 -19.91
CA VAL A 44 17.21 -14.37 -19.71
C VAL A 44 17.39 -15.86 -19.36
N ASP A 45 17.21 -16.20 -18.08
CA ASP A 45 17.34 -17.58 -17.64
C ASP A 45 18.74 -18.05 -17.93
N GLY A 46 19.71 -17.14 -17.79
CA GLY A 46 21.10 -17.47 -18.06
C GLY A 46 21.65 -16.92 -19.39
N VAL A 47 20.99 -17.27 -20.49
CA VAL A 47 21.42 -16.84 -21.83
C VAL A 47 21.43 -15.32 -22.01
N GLU A 48 22.51 -14.78 -22.55
CA GLU A 48 22.61 -13.35 -22.78
C GLU A 48 21.79 -12.97 -24.00
N VAL A 49 21.33 -11.73 -24.01
CA VAL A 49 20.55 -11.17 -25.12
C VAL A 49 21.18 -9.82 -25.41
N HIS A 50 20.99 -9.30 -26.62
CA HIS A 50 21.60 -8.02 -26.98
C HIS A 50 20.67 -6.97 -27.57
N ASN A 51 19.37 -7.09 -27.29
CA ASN A 51 18.39 -6.15 -27.83
C ASN A 51 17.90 -5.10 -26.84
N ALA A 52 18.70 -4.84 -25.80
CA ALA A 52 18.30 -3.84 -24.82
C ALA A 52 18.61 -2.46 -25.37
N LYS A 53 17.70 -1.52 -25.13
CA LYS A 53 17.91 -0.16 -25.62
C LYS A 53 18.31 0.75 -24.46
N THR A 54 19.60 1.09 -24.43
CA THR A 54 20.20 1.96 -23.41
C THR A 54 19.93 3.43 -23.70
N LYS A 55 19.45 4.18 -22.73
CA LYS A 55 19.17 5.59 -22.94
C LYS A 55 20.34 6.46 -22.55
N PRO A 56 20.41 7.67 -23.11
CA PRO A 56 21.50 8.62 -22.85
C PRO A 56 21.58 8.95 -21.36
N ARG A 57 22.75 8.79 -20.75
CA ARG A 57 22.84 9.10 -19.33
C ARG A 57 22.32 10.52 -19.10
N GLU A 58 22.11 10.85 -17.84
CA GLU A 58 21.59 12.15 -17.45
C GLU A 58 22.21 12.63 -16.14
N GLU A 59 23.03 13.69 -16.22
CA GLU A 59 23.69 14.23 -15.03
C GLU A 59 22.63 14.64 -14.01
N GLN A 60 22.59 13.92 -12.89
CA GLN A 60 21.63 14.18 -11.83
C GLN A 60 21.88 15.53 -11.18
N TYR A 61 20.81 16.12 -10.66
CA TYR A 61 20.88 17.41 -10.00
C TYR A 61 21.80 17.37 -8.77
N ASN A 62 21.90 16.18 -8.15
CA ASN A 62 22.75 15.99 -6.96
C ASN A 62 24.20 15.71 -7.40
N SER A 63 24.50 16.18 -8.60
CA SER A 63 25.82 16.07 -9.20
C SER A 63 26.32 14.70 -9.62
N THR A 64 25.44 13.70 -9.66
CA THR A 64 25.84 12.35 -10.07
C THR A 64 25.27 11.97 -11.45
N TYR A 65 25.10 10.68 -11.71
CA TYR A 65 24.54 10.25 -13.00
C TYR A 65 23.48 9.17 -12.91
N ARG A 66 22.70 9.09 -13.96
CA ARG A 66 21.63 8.11 -14.05
C ARG A 66 21.54 7.55 -15.46
N VAL A 67 21.81 6.25 -15.60
CA VAL A 67 21.71 5.61 -16.90
C VAL A 67 20.70 4.48 -16.87
N VAL A 68 19.92 4.35 -17.94
CA VAL A 68 18.90 3.34 -18.00
C VAL A 68 18.96 2.47 -19.24
N SER A 69 18.74 1.18 -19.06
CA SER A 69 18.70 0.26 -20.19
C SER A 69 17.34 -0.40 -20.08
N VAL A 70 16.64 -0.47 -21.20
CA VAL A 70 15.32 -1.07 -21.26
C VAL A 70 15.31 -2.29 -22.15
N LEU A 71 14.95 -3.41 -21.57
CA LEU A 71 14.91 -4.64 -22.31
C LEU A 71 13.46 -5.01 -22.57
N THR A 72 13.14 -5.18 -23.84
CA THR A 72 11.79 -5.56 -24.20
C THR A 72 11.74 -7.06 -23.95
N VAL A 73 10.64 -7.53 -23.37
CA VAL A 73 10.50 -8.95 -23.09
C VAL A 73 9.32 -9.57 -23.82
N LEU A 74 9.19 -10.88 -23.64
CA LEU A 74 8.12 -11.67 -24.24
C LEU A 74 7.05 -11.87 -23.19
N HIS A 75 5.83 -11.38 -23.46
CA HIS A 75 4.72 -11.54 -22.51
C HIS A 75 4.79 -12.93 -21.90
N GLN A 76 4.77 -13.94 -22.76
CA GLN A 76 4.82 -15.33 -22.34
C GLN A 76 5.94 -15.58 -21.37
N ASP A 77 7.16 -15.32 -21.84
CA ASP A 77 8.37 -15.51 -21.06
C ASP A 77 8.28 -15.01 -19.62
N TRP A 78 7.71 -13.84 -19.43
CA TRP A 78 7.56 -13.28 -18.09
C TRP A 78 6.48 -14.06 -17.33
N LEU A 79 5.36 -14.24 -18.01
CA LEU A 79 4.23 -14.95 -17.46
C LEU A 79 4.60 -16.38 -17.16
N ASN A 80 5.71 -16.85 -17.73
CA ASN A 80 6.13 -18.23 -17.49
C ASN A 80 7.20 -18.41 -16.45
N GLY A 81 7.59 -17.32 -15.80
CA GLY A 81 8.60 -17.43 -14.76
C GLY A 81 10.05 -17.24 -15.18
N LYS A 82 10.27 -16.83 -16.42
CA LYS A 82 11.63 -16.62 -16.89
C LYS A 82 12.32 -15.58 -16.00
N GLU A 83 13.63 -15.67 -15.88
CA GLU A 83 14.40 -14.79 -15.01
C GLU A 83 15.23 -13.76 -15.81
N TYR A 84 15.11 -12.50 -15.42
CA TYR A 84 15.83 -11.43 -16.10
C TYR A 84 16.91 -10.85 -15.23
N LYS A 85 18.15 -11.07 -15.64
CA LYS A 85 19.30 -10.58 -14.90
C LYS A 85 19.98 -9.44 -15.65
N CYS A 86 20.23 -8.35 -14.96
CA CYS A 86 20.90 -7.22 -15.57
C CYS A 86 22.26 -7.18 -14.89
N LYS A 87 23.31 -7.01 -15.69
CA LYS A 87 24.66 -6.92 -15.14
C LYS A 87 25.24 -5.54 -15.48
N VAL A 88 25.50 -4.74 -14.46
CA VAL A 88 26.04 -3.43 -14.74
C VAL A 88 27.51 -3.38 -14.37
N SER A 89 28.34 -2.95 -15.31
CA SER A 89 29.78 -2.88 -15.10
C SER A 89 30.29 -1.45 -15.21
N ASN A 90 31.03 -1.01 -14.19
CA ASN A 90 31.60 0.33 -14.17
C ASN A 90 33.00 0.26 -13.57
N LYS A 91 33.78 1.32 -13.77
CA LYS A 91 35.12 1.34 -13.24
C LYS A 91 35.17 1.41 -11.72
N ALA A 92 34.27 2.19 -11.11
CA ALA A 92 34.22 2.36 -9.64
C ALA A 92 33.63 1.12 -8.95
N LEU A 93 33.50 0.05 -9.71
CA LEU A 93 32.95 -1.18 -9.19
C LEU A 93 34.04 -2.23 -9.09
N PRO A 94 34.19 -2.80 -7.90
CA PRO A 94 35.21 -3.84 -7.71
C PRO A 94 34.89 -4.99 -8.66
N ALA A 95 33.59 -5.22 -8.80
CA ALA A 95 33.09 -6.26 -9.68
C ALA A 95 31.68 -5.89 -10.08
N PRO A 96 31.30 -6.16 -11.33
CA PRO A 96 29.97 -5.86 -11.85
C PRO A 96 28.86 -6.25 -10.91
N ILE A 97 27.88 -5.37 -10.79
CA ILE A 97 26.70 -5.58 -9.94
C ILE A 97 25.65 -6.31 -10.75
N GLU A 98 25.00 -7.28 -10.12
CA GLU A 98 23.97 -8.05 -10.78
C GLU A 98 22.66 -7.92 -10.02
N LYS A 99 21.56 -7.97 -10.77
CA LYS A 99 20.24 -7.87 -10.20
C LYS A 99 19.36 -8.78 -11.06
N THR A 100 18.51 -9.54 -10.38
CA THR A 100 17.62 -10.46 -11.05
C THR A 100 16.21 -10.35 -10.49
N ILE A 101 15.25 -10.49 -11.38
CA ILE A 101 13.85 -10.42 -11.04
C ILE A 101 13.03 -11.30 -12.00
N SER A 102 11.93 -11.83 -11.49
CA SER A 102 11.06 -12.69 -12.28
C SER A 102 9.66 -12.55 -11.70
N LYS A 103 8.69 -13.14 -12.39
CA LYS A 103 7.33 -13.11 -11.88
C LYS A 103 7.32 -13.86 -10.53
N ALA A 104 6.41 -13.45 -9.66
CA ALA A 104 6.27 -14.09 -8.36
C ALA A 104 5.89 -15.53 -8.62
N LYS A 105 6.53 -16.43 -7.88
CA LYS A 105 6.23 -17.85 -8.03
C LYS A 105 5.01 -18.22 -7.19
N GLY A 106 4.23 -19.18 -7.69
CA GLY A 106 3.05 -19.61 -6.97
C GLY A 106 1.92 -19.88 -7.93
N GLN A 107 1.04 -20.82 -7.59
CA GLN A 107 -0.09 -21.17 -8.46
C GLN A 107 -1.08 -20.03 -8.68
N PRO A 108 -1.24 -19.59 -9.93
CA PRO A 108 -2.17 -18.50 -10.21
C PRO A 108 -3.53 -18.78 -9.62
N ARG A 109 -4.23 -17.72 -9.21
CA ARG A 109 -5.56 -17.85 -8.64
C ARG A 109 -6.48 -16.82 -9.26
N GLU A 110 -7.51 -17.29 -9.95
CA GLU A 110 -8.47 -16.41 -10.61
C GLU A 110 -9.22 -15.43 -9.68
N PRO A 111 -9.04 -14.12 -9.93
CA PRO A 111 -9.70 -13.11 -9.10
C PRO A 111 -11.19 -13.16 -9.20
N GLN A 112 -11.86 -12.83 -8.10
CA GLN A 112 -13.32 -12.77 -8.05
C GLN A 112 -13.62 -11.27 -7.97
N VAL A 113 -14.52 -10.83 -8.85
CA VAL A 113 -14.91 -9.44 -8.94
C VAL A 113 -16.36 -9.19 -8.52
N TYR A 114 -16.53 -8.30 -7.58
CA TYR A 114 -17.84 -7.96 -7.07
C TYR A 114 -18.05 -6.44 -7.11
N THR A 115 -19.17 -5.98 -7.64
CA THR A 115 -19.42 -4.57 -7.69
C THR A 115 -20.38 -4.17 -6.58
N LEU A 116 -20.04 -3.11 -5.86
CA LEU A 116 -20.88 -2.61 -4.78
C LEU A 116 -21.41 -1.21 -5.09
N PRO A 117 -22.73 -1.01 -4.98
CA PRO A 117 -23.31 0.29 -5.25
C PRO A 117 -22.97 1.14 -4.04
N PRO A 118 -23.31 2.43 -4.09
CA PRO A 118 -23.01 3.33 -2.97
C PRO A 118 -23.75 3.02 -1.67
N SER A 119 -23.24 3.58 -0.58
CA SER A 119 -23.86 3.39 0.71
C SER A 119 -25.04 4.37 0.69
N ARG A 120 -26.12 4.02 1.37
CA ARG A 120 -27.28 4.90 1.43
C ARG A 120 -26.86 6.24 2.02
N ASP A 121 -26.11 6.18 3.12
CA ASP A 121 -25.64 7.36 3.82
C ASP A 121 -24.87 8.34 2.93
N GLU A 122 -24.50 7.90 1.72
CA GLU A 122 -23.72 8.73 0.82
C GLU A 122 -24.54 9.49 -0.19
N LEU A 123 -25.80 9.10 -0.33
CA LEU A 123 -26.71 9.71 -1.27
C LEU A 123 -27.13 11.15 -0.87
N THR A 124 -26.67 11.60 0.29
CA THR A 124 -26.97 12.95 0.75
C THR A 124 -25.93 13.88 0.11
N LYS A 125 -24.90 13.28 -0.47
CA LYS A 125 -23.82 14.05 -1.09
C LYS A 125 -24.09 14.17 -2.59
N ASN A 126 -23.39 15.08 -3.26
CA ASN A 126 -23.62 15.26 -4.69
C ASN A 126 -22.86 14.29 -5.55
N GLN A 127 -21.89 13.62 -4.94
CA GLN A 127 -21.09 12.64 -5.68
C GLN A 127 -21.05 11.38 -4.83
N VAL A 128 -21.24 10.23 -5.46
CA VAL A 128 -21.22 8.98 -4.73
C VAL A 128 -20.12 8.07 -5.24
N SER A 129 -19.76 7.05 -4.44
CA SER A 129 -18.71 6.12 -4.83
C SER A 129 -19.20 4.75 -5.17
N LEU A 130 -18.79 4.29 -6.35
CA LEU A 130 -19.12 2.96 -6.83
C LEU A 130 -17.87 2.11 -6.55
N THR A 131 -18.03 1.13 -5.65
CA THR A 131 -16.94 0.28 -5.24
C THR A 131 -16.77 -1.03 -6.02
N CYS A 132 -15.51 -1.43 -6.23
CA CYS A 132 -15.21 -2.68 -6.92
C CYS A 132 -14.17 -3.53 -6.20
N LEU A 133 -14.67 -4.44 -5.35
CA LEU A 133 -13.83 -5.34 -4.60
C LEU A 133 -13.35 -6.45 -5.53
N VAL A 134 -12.04 -6.65 -5.59
CA VAL A 134 -11.44 -7.70 -6.40
C VAL A 134 -10.64 -8.53 -5.39
N LYS A 135 -10.98 -9.80 -5.25
CA LYS A 135 -10.28 -10.60 -4.26
C LYS A 135 -9.84 -12.00 -4.65
N GLY A 136 -9.01 -12.58 -3.77
CA GLY A 136 -8.50 -13.91 -3.95
C GLY A 136 -7.65 -14.23 -5.16
N PHE A 137 -6.93 -13.24 -5.71
CA PHE A 137 -6.10 -13.49 -6.88
C PHE A 137 -4.61 -13.60 -6.54
N TYR A 138 -3.83 -14.20 -7.43
CA TYR A 138 -2.40 -14.36 -7.20
C TYR A 138 -1.75 -14.64 -8.54
N PRO A 139 -0.61 -13.99 -8.87
CA PRO A 139 0.10 -12.97 -8.08
C PRO A 139 -0.58 -11.61 -8.01
N SER A 140 0.04 -10.66 -7.32
CA SER A 140 -0.51 -9.32 -7.16
C SER A 140 -0.59 -8.50 -8.47
N ASP A 141 0.09 -8.98 -9.50
CA ASP A 141 0.09 -8.31 -10.79
C ASP A 141 -1.34 -8.29 -11.27
N ILE A 142 -1.91 -7.09 -11.35
CA ILE A 142 -3.27 -6.97 -11.80
C ILE A 142 -3.54 -5.54 -12.27
N ALA A 143 -4.62 -5.37 -13.03
CA ALA A 143 -4.99 -4.07 -13.58
C ALA A 143 -6.49 -3.93 -13.64
N VAL A 144 -6.98 -2.89 -12.97
CA VAL A 144 -8.42 -2.61 -12.90
C VAL A 144 -8.73 -1.24 -13.49
N GLU A 145 -9.84 -1.17 -14.22
CA GLU A 145 -10.25 0.06 -14.86
C GLU A 145 -11.74 0.17 -14.79
N TRP A 146 -12.30 1.33 -15.14
CA TRP A 146 -13.75 1.49 -15.13
C TRP A 146 -14.21 2.08 -16.43
N GLU A 147 -15.47 1.84 -16.78
CA GLU A 147 -16.07 2.33 -18.03
C GLU A 147 -17.58 2.42 -17.92
N SER A 148 -18.20 3.02 -18.92
CA SER A 148 -19.64 3.17 -18.96
C SER A 148 -19.91 3.53 -20.41
N ASN A 149 -21.11 3.23 -20.89
CA ASN A 149 -21.45 3.55 -22.28
C ASN A 149 -20.32 3.22 -23.28
N GLY A 150 -19.53 2.19 -22.98
CA GLY A 150 -18.44 1.82 -23.87
C GLY A 150 -17.22 2.70 -23.69
N GLN A 151 -17.41 3.88 -23.10
CA GLN A 151 -16.30 4.80 -22.89
C GLN A 151 -15.68 4.61 -21.52
N PRO A 152 -14.37 4.86 -21.39
CA PRO A 152 -13.65 4.72 -20.13
C PRO A 152 -13.83 5.87 -19.15
N GLU A 153 -14.16 5.54 -17.92
CA GLU A 153 -14.33 6.55 -16.91
C GLU A 153 -12.98 6.68 -16.23
N ASN A 154 -12.56 7.90 -15.93
CA ASN A 154 -11.25 8.06 -15.34
C ASN A 154 -11.17 8.57 -13.91
N ASN A 155 -12.29 9.05 -13.38
CA ASN A 155 -12.28 9.56 -12.01
C ASN A 155 -12.30 8.45 -10.95
N TYR A 156 -11.44 7.45 -11.10
CA TYR A 156 -11.39 6.35 -10.15
C TYR A 156 -10.01 6.26 -9.52
N LYS A 157 -9.93 5.52 -8.42
CA LYS A 157 -8.67 5.36 -7.72
C LYS A 157 -8.62 3.97 -7.11
N THR A 158 -7.64 3.19 -7.53
CA THR A 158 -7.50 1.85 -7.01
C THR A 158 -6.46 1.71 -5.92
N THR A 159 -6.76 0.88 -4.94
CA THR A 159 -5.84 0.64 -3.86
C THR A 159 -4.85 -0.41 -4.33
N PRO A 160 -3.67 -0.43 -3.69
CA PRO A 160 -2.70 -1.44 -4.12
C PRO A 160 -3.14 -2.78 -3.56
N PRO A 161 -2.75 -3.88 -4.20
CA PRO A 161 -3.12 -5.22 -3.73
C PRO A 161 -2.71 -5.42 -2.28
N VAL A 162 -3.61 -6.00 -1.48
CA VAL A 162 -3.33 -6.27 -0.07
C VAL A 162 -3.33 -7.78 0.11
N LEU A 163 -2.36 -8.25 0.89
CA LEU A 163 -2.26 -9.67 1.18
C LEU A 163 -3.37 -10.09 2.13
N ASP A 164 -4.22 -11.00 1.67
CA ASP A 164 -5.32 -11.50 2.48
C ASP A 164 -4.80 -12.57 3.45
N SER A 165 -5.69 -13.08 4.31
CA SER A 165 -5.29 -14.08 5.28
C SER A 165 -5.08 -15.48 4.68
N ASP A 166 -5.52 -15.66 3.45
CA ASP A 166 -5.41 -16.95 2.79
C ASP A 166 -4.29 -16.96 1.76
N GLY A 167 -3.35 -16.03 1.91
CA GLY A 167 -2.23 -16.00 1.00
C GLY A 167 -2.51 -15.33 -0.32
N SER A 168 -3.77 -15.06 -0.63
CA SER A 168 -4.10 -14.39 -1.88
C SER A 168 -4.21 -12.89 -1.61
N PHE A 169 -4.37 -12.11 -2.67
CA PHE A 169 -4.50 -10.67 -2.55
C PHE A 169 -5.92 -10.27 -2.88
N PHE A 170 -6.21 -9.01 -2.56
CA PHE A 170 -7.49 -8.41 -2.85
C PHE A 170 -7.22 -6.91 -2.92
N LEU A 171 -8.07 -6.19 -3.65
CA LEU A 171 -7.95 -4.73 -3.72
C LEU A 171 -9.35 -4.15 -3.92
N TYR A 172 -9.47 -2.82 -3.90
CA TYR A 172 -10.78 -2.18 -4.07
C TYR A 172 -10.54 -1.02 -5.00
N SER A 173 -11.51 -0.76 -5.86
CA SER A 173 -11.43 0.36 -6.79
C SER A 173 -12.67 1.22 -6.60
N LYS A 174 -12.44 2.48 -6.32
CA LYS A 174 -13.53 3.43 -6.07
C LYS A 174 -13.69 4.43 -7.22
N LEU A 175 -14.72 4.22 -8.04
CA LEU A 175 -15.03 5.15 -9.12
C LEU A 175 -16.02 6.14 -8.53
N THR A 176 -15.69 7.43 -8.61
CA THR A 176 -16.57 8.45 -8.05
C THR A 176 -17.39 9.12 -9.16
N VAL A 177 -18.68 9.31 -8.92
CA VAL A 177 -19.52 9.92 -9.92
C VAL A 177 -20.53 10.90 -9.33
N ASP A 178 -21.21 11.60 -10.24
CA ASP A 178 -22.23 12.55 -9.86
C ASP A 178 -23.44 11.70 -9.52
N LYS A 179 -24.04 11.99 -8.36
CA LYS A 179 -25.24 11.29 -7.89
C LYS A 179 -26.26 11.15 -9.01
N SER A 180 -26.43 12.23 -9.76
CA SER A 180 -27.34 12.30 -10.90
C SER A 180 -27.13 11.16 -11.91
N ARG A 181 -25.87 10.94 -12.31
CA ARG A 181 -25.55 9.90 -13.28
C ARG A 181 -25.88 8.51 -12.77
N TRP A 182 -25.70 8.33 -11.47
CA TRP A 182 -25.96 7.04 -10.83
C TRP A 182 -27.45 6.79 -10.68
N GLN A 183 -28.13 7.78 -10.10
CA GLN A 183 -29.58 7.70 -9.88
C GLN A 183 -30.38 7.66 -11.19
N GLN A 184 -29.78 8.21 -12.25
CA GLN A 184 -30.38 8.22 -13.58
C GLN A 184 -30.33 6.80 -14.15
N GLY A 185 -29.73 5.89 -13.41
CA GLY A 185 -29.64 4.52 -13.86
C GLY A 185 -28.55 4.19 -14.85
N ASN A 186 -27.53 5.03 -15.00
CA ASN A 186 -26.46 4.68 -15.95
C ASN A 186 -25.77 3.39 -15.47
N VAL A 187 -25.17 2.66 -16.41
CA VAL A 187 -24.49 1.41 -16.12
C VAL A 187 -22.98 1.51 -16.31
N PHE A 188 -22.28 1.22 -15.22
CA PHE A 188 -20.83 1.25 -15.17
C PHE A 188 -20.27 -0.17 -15.05
N SER A 189 -19.09 -0.40 -15.62
CA SER A 189 -18.43 -1.70 -15.57
C SER A 189 -17.03 -1.59 -14.99
N CYS A 190 -16.68 -2.58 -14.16
CA CYS A 190 -15.37 -2.65 -13.53
C CYS A 190 -14.72 -3.76 -14.33
N SER A 191 -13.61 -3.47 -15.00
CA SER A 191 -12.91 -4.49 -15.82
C SER A 191 -11.58 -4.85 -15.19
N VAL A 192 -11.32 -6.15 -15.11
CA VAL A 192 -10.10 -6.62 -14.51
C VAL A 192 -9.26 -7.42 -15.47
N MET A 193 -7.97 -7.18 -15.44
CA MET A 193 -7.06 -7.92 -16.30
C MET A 193 -6.10 -8.66 -15.38
N HIS A 194 -6.05 -9.97 -15.54
CA HIS A 194 -5.19 -10.80 -14.72
C HIS A 194 -4.84 -12.07 -15.45
N GLU A 195 -3.64 -12.56 -15.21
CA GLU A 195 -3.21 -13.76 -15.90
C GLU A 195 -4.13 -14.96 -15.66
N ALA A 196 -4.79 -15.00 -14.49
CA ALA A 196 -5.65 -16.11 -14.11
C ALA A 196 -7.12 -15.95 -14.56
N LEU A 197 -7.37 -14.96 -15.40
CA LEU A 197 -8.71 -14.72 -15.92
C LEU A 197 -8.74 -15.27 -17.34
N HIS A 198 -9.81 -15.95 -17.71
CA HIS A 198 -9.90 -16.49 -19.06
C HIS A 198 -9.75 -15.30 -20.00
N ASN A 199 -8.71 -15.32 -20.83
CA ASN A 199 -8.48 -14.24 -21.79
C ASN A 199 -7.94 -12.99 -21.09
N HIS A 200 -7.41 -13.20 -19.88
CA HIS A 200 -6.83 -12.11 -19.12
C HIS A 200 -7.78 -10.96 -18.93
N TYR A 201 -9.06 -11.20 -19.15
CA TYR A 201 -10.04 -10.14 -19.02
C TYR A 201 -11.42 -10.55 -18.55
N THR A 202 -12.05 -9.65 -17.81
CA THR A 202 -13.41 -9.85 -17.32
C THR A 202 -13.98 -8.54 -16.81
N GLN A 203 -15.31 -8.45 -16.77
CA GLN A 203 -15.97 -7.26 -16.24
C GLN A 203 -17.25 -7.62 -15.51
N LYS A 204 -17.73 -6.67 -14.70
CA LYS A 204 -18.94 -6.81 -13.90
C LYS A 204 -19.62 -5.46 -13.94
N SER A 205 -20.92 -5.44 -14.16
CA SER A 205 -21.59 -4.16 -14.22
C SER A 205 -22.23 -3.73 -12.92
N LEU A 206 -22.62 -2.46 -12.85
CA LEU A 206 -23.20 -1.90 -11.65
C LEU A 206 -24.09 -0.72 -12.01
N SER A 207 -25.32 -0.76 -11.51
CA SER A 207 -26.28 0.29 -11.80
C SER A 207 -27.34 0.34 -10.71
N LEU A 208 -28.43 1.03 -11.01
CA LEU A 208 -29.54 1.14 -10.07
C LEU A 208 -30.55 0.04 -10.38
N SER A 209 -31.13 -0.53 -9.32
CA SER A 209 -32.11 -1.61 -9.49
C SER A 209 -33.24 -1.60 -8.44
N PRO A 210 -32.90 -1.42 -7.14
CA PRO A 210 -33.79 -1.38 -5.98
C PRO A 210 -35.32 -1.38 -6.19
N GLY B 1 30.76 1.25 5.94
CA GLY B 1 29.28 1.37 5.95
C GLY B 1 28.77 2.35 6.99
N GLY B 2 28.39 1.82 8.16
CA GLY B 2 27.88 2.66 9.23
C GLY B 2 26.51 2.21 9.72
N PRO B 3 26.35 2.02 11.04
CA PRO B 3 25.04 1.59 11.52
C PRO B 3 24.00 2.57 10.95
N SER B 4 22.77 2.09 10.72
CA SER B 4 21.75 2.95 10.18
C SER B 4 20.60 3.22 11.16
N VAL B 5 19.93 4.36 11.01
CA VAL B 5 18.84 4.74 11.89
C VAL B 5 17.49 5.01 11.20
N PHE B 6 16.41 4.58 11.85
CA PHE B 6 15.04 4.74 11.37
C PHE B 6 14.14 5.10 12.53
N LEU B 7 13.43 6.21 12.36
CA LEU B 7 12.53 6.69 13.39
C LEU B 7 11.08 6.35 13.07
N PHE B 8 10.43 5.63 13.97
CA PHE B 8 9.03 5.24 13.74
C PHE B 8 8.01 5.96 14.58
N PRO B 9 6.97 6.51 13.92
CA PRO B 9 5.89 7.22 14.62
C PRO B 9 5.04 6.31 15.50
N PRO B 10 4.20 6.92 16.34
CA PRO B 10 3.31 6.16 17.23
C PRO B 10 2.18 5.54 16.41
N LYS B 11 1.43 4.61 16.99
CA LYS B 11 0.32 4.00 16.25
C LYS B 11 -0.84 4.98 16.28
N PRO B 12 -1.55 5.14 15.15
CA PRO B 12 -2.69 6.07 15.10
C PRO B 12 -3.61 5.95 16.30
N LYS B 13 -4.00 4.71 16.60
CA LYS B 13 -4.91 4.44 17.70
C LYS B 13 -4.34 4.78 19.06
N ASP B 14 -3.02 4.80 19.16
CA ASP B 14 -2.40 5.10 20.44
C ASP B 14 -2.46 6.57 20.74
N THR B 15 -2.31 7.38 19.70
CA THR B 15 -2.35 8.82 19.87
C THR B 15 -3.76 9.33 20.13
N LEU B 16 -4.76 8.60 19.65
CA LEU B 16 -6.16 9.00 19.79
C LEU B 16 -6.90 8.56 21.04
N MET B 17 -6.65 7.32 21.49
CA MET B 17 -7.29 6.80 22.71
C MET B 17 -6.51 7.18 23.98
N ILE B 18 -7.15 7.88 24.92
CA ILE B 18 -6.46 8.26 26.14
C ILE B 18 -6.06 7.03 26.96
N SER B 19 -6.70 5.90 26.68
CA SER B 19 -6.36 4.65 27.37
C SER B 19 -4.92 4.23 27.04
N ARG B 20 -4.64 4.11 25.74
CA ARG B 20 -3.34 3.69 25.27
C ARG B 20 -2.12 4.59 25.51
N THR B 21 -0.94 4.10 25.16
CA THR B 21 0.30 4.83 25.34
C THR B 21 1.08 4.91 24.03
N PRO B 22 1.10 6.10 23.39
CA PRO B 22 1.79 6.35 22.13
C PRO B 22 3.30 6.47 22.32
N GLU B 23 4.07 5.83 21.45
CA GLU B 23 5.51 5.92 21.54
C GLU B 23 6.19 6.07 20.20
N VAL B 24 7.24 6.89 20.18
CA VAL B 24 8.03 7.08 18.97
C VAL B 24 9.23 6.17 19.22
N THR B 25 9.52 5.32 18.24
CA THR B 25 10.58 4.34 18.32
C THR B 25 11.79 4.62 17.45
N CYS B 26 12.97 4.53 18.06
CA CYS B 26 14.23 4.76 17.38
C CYS B 26 15.04 3.50 17.28
N VAL B 27 15.20 3.05 16.05
CA VAL B 27 15.92 1.83 15.76
C VAL B 27 17.26 2.08 15.12
N VAL B 28 18.24 1.28 15.53
CA VAL B 28 19.59 1.35 15.00
C VAL B 28 19.97 -0.03 14.52
N VAL B 29 20.23 -0.10 13.21
CA VAL B 29 20.62 -1.34 12.54
C VAL B 29 22.07 -1.28 12.04
N ASP B 30 22.61 -2.43 11.65
CA ASP B 30 23.98 -2.51 11.16
C ASP B 30 24.91 -1.99 12.28
N VAL B 31 24.59 -2.39 13.51
CA VAL B 31 25.39 -2.00 14.65
C VAL B 31 26.52 -3.01 14.71
N SER B 32 27.75 -2.51 14.55
CA SER B 32 29.00 -3.30 14.54
C SER B 32 29.27 -4.19 15.78
N HIS B 33 29.53 -5.48 15.52
CA HIS B 33 29.80 -6.49 16.54
C HIS B 33 30.96 -6.18 17.47
N GLU B 34 31.90 -5.37 16.99
CA GLU B 34 33.09 -4.97 17.73
C GLU B 34 32.88 -3.68 18.50
N ASP B 35 32.15 -2.73 17.92
CA ASP B 35 31.84 -1.47 18.61
C ASP B 35 30.34 -1.39 18.77
N PRO B 36 29.77 -2.20 19.66
CA PRO B 36 28.31 -2.19 19.86
C PRO B 36 27.72 -1.16 20.85
N GLU B 37 28.56 -0.29 21.41
CA GLU B 37 28.03 0.68 22.34
C GLU B 37 27.21 1.74 21.60
N VAL B 38 25.92 1.84 21.93
CA VAL B 38 25.03 2.84 21.31
C VAL B 38 24.39 3.75 22.33
N LYS B 39 24.48 5.06 22.07
CA LYS B 39 23.92 6.02 22.99
C LYS B 39 22.87 6.82 22.29
N PHE B 40 21.75 6.95 22.99
CA PHE B 40 20.60 7.67 22.47
C PHE B 40 20.46 9.04 23.12
N ASN B 41 19.94 9.99 22.35
CA ASN B 41 19.70 11.35 22.84
C ASN B 41 18.37 11.74 22.25
N TRP B 42 17.38 11.97 23.11
CA TRP B 42 16.04 12.29 22.65
C TRP B 42 15.69 13.74 22.86
N TYR B 43 15.07 14.34 21.85
CA TYR B 43 14.70 15.75 21.92
C TYR B 43 13.29 16.05 21.41
N VAL B 44 12.53 16.84 22.18
CA VAL B 44 11.19 17.23 21.76
C VAL B 44 11.17 18.74 21.47
N ASP B 45 10.99 19.10 20.20
CA ASP B 45 10.96 20.50 19.80
C ASP B 45 12.24 21.17 20.30
N GLY B 46 13.37 20.46 20.17
CA GLY B 46 14.63 21.00 20.63
C GLY B 46 15.06 20.49 21.99
N VAL B 47 14.29 20.80 23.03
CA VAL B 47 14.58 20.37 24.39
C VAL B 47 14.80 18.86 24.56
N GLU B 48 15.87 18.50 25.25
CA GLU B 48 16.15 17.08 25.50
C GLU B 48 15.24 16.51 26.59
N VAL B 49 14.93 15.23 26.47
CA VAL B 49 14.09 14.55 27.46
C VAL B 49 14.84 13.27 27.83
N HIS B 50 14.50 12.65 28.96
CA HIS B 50 15.21 11.45 29.38
C HIS B 50 14.39 10.24 29.81
N ASN B 51 13.10 10.21 29.49
CA ASN B 51 12.28 9.06 29.87
C ASN B 51 12.12 8.00 28.77
N ALA B 52 13.14 7.88 27.92
CA ALA B 52 13.13 6.89 26.85
C ALA B 52 13.52 5.56 27.46
N LYS B 53 13.00 4.47 26.92
CA LYS B 53 13.33 3.16 27.45
C LYS B 53 14.05 2.33 26.39
N THR B 54 15.37 2.29 26.53
CA THR B 54 16.25 1.58 25.62
C THR B 54 16.29 0.09 25.90
N LYS B 55 16.08 -0.70 24.87
CA LYS B 55 16.06 -2.15 24.99
C LYS B 55 17.43 -2.76 24.74
N PRO B 56 17.70 -3.92 25.36
CA PRO B 56 18.97 -4.63 25.21
C PRO B 56 19.22 -4.93 23.73
N ARG B 57 20.44 -4.70 23.26
CA ARG B 57 20.78 -4.96 21.87
C ARG B 57 20.52 -6.43 21.56
N GLU B 58 20.54 -6.79 20.28
CA GLU B 58 20.31 -8.16 19.88
C GLU B 58 20.97 -8.46 18.56
N GLU B 59 21.81 -9.50 18.56
CA GLU B 59 22.50 -9.92 17.35
C GLU B 59 21.43 -10.39 16.37
N GLN B 60 21.53 -9.90 15.15
CA GLN B 60 20.58 -10.27 14.10
C GLN B 60 21.18 -11.42 13.31
N TYR B 61 20.32 -12.34 12.87
CA TYR B 61 20.78 -13.50 12.12
C TYR B 61 21.88 -13.20 11.10
N ASN B 62 21.87 -12.00 10.52
CA ASN B 62 22.90 -11.64 9.53
C ASN B 62 24.18 -11.22 10.25
N SER B 63 24.31 -11.74 11.47
CA SER B 63 25.45 -11.51 12.36
C SER B 63 25.77 -10.08 12.80
N THR B 64 24.80 -9.18 12.68
CA THR B 64 24.98 -7.79 13.09
C THR B 64 24.25 -7.52 14.41
N TYR B 65 23.98 -6.25 14.69
CA TYR B 65 23.30 -5.90 15.92
C TYR B 65 22.12 -4.98 15.68
N ARG B 66 21.20 -4.94 16.63
CA ARG B 66 20.04 -4.08 16.49
C ARG B 66 19.61 -3.55 17.84
N VAL B 67 19.66 -2.23 18.00
CA VAL B 67 19.27 -1.60 19.25
C VAL B 67 18.06 -0.71 19.07
N VAL B 68 17.18 -0.67 20.07
CA VAL B 68 15.95 0.14 19.97
C VAL B 68 15.61 1.00 21.20
N SER B 69 15.37 2.30 20.99
CA SER B 69 14.99 3.17 22.10
C SER B 69 13.54 3.57 21.89
N VAL B 70 12.72 3.41 22.91
CA VAL B 70 11.31 3.75 22.81
C VAL B 70 10.97 4.93 23.67
N LEU B 71 10.61 6.03 23.01
CA LEU B 71 10.21 7.22 23.75
C LEU B 71 8.70 7.27 23.85
N THR B 72 8.19 7.40 25.07
CA THR B 72 6.75 7.50 25.27
C THR B 72 6.41 8.98 25.07
N VAL B 73 5.31 9.27 24.38
CA VAL B 73 4.94 10.66 24.12
C VAL B 73 3.58 11.04 24.69
N LEU B 74 3.20 12.30 24.48
CA LEU B 74 1.92 12.79 24.96
C LEU B 74 1.01 12.86 23.74
N HIS B 75 -0.15 12.21 23.82
CA HIS B 75 -1.09 12.24 22.72
C HIS B 75 -1.26 13.65 22.15
N GLN B 76 -1.33 14.64 23.04
CA GLN B 76 -1.50 16.02 22.60
C GLN B 76 -0.27 16.49 21.85
N ASP B 77 0.88 16.32 22.48
CA ASP B 77 2.13 16.74 21.88
C ASP B 77 2.28 16.24 20.44
N TRP B 78 1.91 14.99 20.20
CA TRP B 78 2.04 14.45 18.85
C TRP B 78 1.02 15.09 17.92
N LEU B 79 -0.21 15.12 18.42
CA LEU B 79 -1.33 15.66 17.70
C LEU B 79 -1.16 17.16 17.45
N ASN B 80 -0.32 17.80 18.26
CA ASN B 80 -0.11 19.23 18.13
C ASN B 80 1.12 19.66 17.32
N GLY B 81 1.70 18.73 16.57
CA GLY B 81 2.82 19.08 15.73
C GLY B 81 4.18 19.00 16.36
N LYS B 82 4.27 18.78 17.68
CA LYS B 82 5.57 18.68 18.33
C LYS B 82 6.52 17.82 17.48
N GLU B 83 7.81 18.14 17.50
CA GLU B 83 8.82 17.43 16.71
C GLU B 83 9.70 16.52 17.57
N TYR B 84 9.84 15.28 17.16
CA TYR B 84 10.67 14.35 17.93
C TYR B 84 11.95 13.93 17.22
N LYS B 85 13.06 14.36 17.80
CA LYS B 85 14.38 14.06 17.27
C LYS B 85 15.09 12.97 18.08
N CYS B 86 15.66 12.02 17.38
CA CYS B 86 16.39 10.95 18.03
C CYS B 86 17.81 11.15 17.53
N LYS B 87 18.79 11.20 18.43
CA LYS B 87 20.19 11.37 18.06
C LYS B 87 20.99 10.15 18.49
N VAL B 88 21.47 9.38 17.52
CA VAL B 88 22.25 8.19 17.84
C VAL B 88 23.75 8.43 17.70
N SER B 89 24.48 8.08 18.74
CA SER B 89 25.92 8.27 18.75
C SER B 89 26.59 6.91 18.89
N ASN B 90 27.53 6.62 17.99
CA ASN B 90 28.26 5.36 18.01
C ASN B 90 29.68 5.61 17.53
N LYS B 91 30.58 4.66 17.84
CA LYS B 91 31.99 4.77 17.44
C LYS B 91 32.20 4.81 15.92
N ALA B 92 31.69 3.78 15.23
CA ALA B 92 31.82 3.64 13.78
C ALA B 92 31.15 4.76 13.02
N LEU B 93 30.86 5.83 13.72
CA LEU B 93 30.20 6.97 13.13
C LEU B 93 30.95 8.28 13.37
N PRO B 94 31.34 8.96 12.28
CA PRO B 94 32.07 10.22 12.33
C PRO B 94 31.35 11.22 13.22
N ALA B 95 30.05 11.36 12.98
CA ALA B 95 29.20 12.28 13.75
C ALA B 95 27.87 11.61 14.07
N PRO B 96 27.31 11.91 15.25
CA PRO B 96 26.03 11.29 15.62
C PRO B 96 24.97 11.43 14.52
N ILE B 97 24.22 10.36 14.26
CA ILE B 97 23.16 10.40 13.24
C ILE B 97 21.91 11.02 13.88
N GLU B 98 21.18 11.84 13.13
CA GLU B 98 19.97 12.48 13.64
C GLU B 98 18.77 12.28 12.70
N LYS B 99 17.63 11.96 13.28
CA LYS B 99 16.39 11.74 12.52
C LYS B 99 15.26 12.45 13.25
N THR B 100 14.41 13.14 12.51
CA THR B 100 13.31 13.85 13.16
C THR B 100 11.99 13.52 12.49
N ILE B 101 10.93 13.43 13.32
CA ILE B 101 9.58 13.14 12.84
C ILE B 101 8.51 13.88 13.64
N SER B 102 7.42 14.20 12.96
CA SER B 102 6.29 14.88 13.57
C SER B 102 5.05 14.49 12.79
N LYS B 103 3.88 14.83 13.32
CA LYS B 103 2.65 14.52 12.65
C LYS B 103 2.66 15.30 11.34
N ALA B 104 1.91 14.81 10.36
CA ALA B 104 1.83 15.47 9.07
C ALA B 104 1.18 16.85 9.23
N LYS B 105 1.71 17.85 8.54
CA LYS B 105 1.14 19.19 8.64
C LYS B 105 0.03 19.35 7.62
N GLY B 106 -1.00 20.12 7.98
CA GLY B 106 -2.12 20.30 7.06
C GLY B 106 -3.49 20.22 7.72
N GLN B 107 -4.49 20.89 7.15
CA GLN B 107 -5.82 20.91 7.71
C GLN B 107 -6.49 19.54 7.85
N PRO B 108 -6.66 19.05 9.10
CA PRO B 108 -7.30 17.74 9.30
C PRO B 108 -8.63 17.72 8.55
N ARG B 109 -9.17 16.52 8.29
CA ARG B 109 -10.47 16.43 7.61
C ARG B 109 -11.26 15.21 8.09
N GLU B 110 -12.38 15.48 8.75
CA GLU B 110 -13.24 14.45 9.27
C GLU B 110 -13.58 13.40 8.24
N PRO B 111 -13.34 12.13 8.59
CA PRO B 111 -13.64 11.03 7.67
C PRO B 111 -15.13 10.67 7.65
N GLN B 112 -15.58 10.13 6.52
CA GLN B 112 -16.96 9.71 6.37
C GLN B 112 -16.92 8.20 6.24
N VAL B 113 -17.69 7.50 7.06
CA VAL B 113 -17.73 6.03 7.03
C VAL B 113 -18.98 5.49 6.36
N TYR B 114 -18.80 4.54 5.43
CA TYR B 114 -19.93 3.91 4.74
C TYR B 114 -19.79 2.40 4.75
N THR B 115 -20.82 1.68 5.20
CA THR B 115 -20.79 0.22 5.24
C THR B 115 -21.51 -0.39 4.05
N LEU B 116 -20.83 -1.24 3.30
CA LEU B 116 -21.40 -1.89 2.13
C LEU B 116 -21.58 -3.39 2.35
N PRO B 117 -22.75 -3.91 2.01
CA PRO B 117 -22.99 -5.34 2.20
C PRO B 117 -22.34 -6.12 1.09
N PRO B 118 -22.28 -7.45 1.22
CA PRO B 118 -21.66 -8.28 0.18
C PRO B 118 -22.38 -8.19 -1.12
N SER B 119 -21.65 -8.46 -2.21
CA SER B 119 -22.26 -8.43 -3.52
C SER B 119 -23.08 -9.69 -3.62
N ARG B 120 -24.17 -9.60 -4.36
CA ARG B 120 -25.04 -10.73 -4.55
C ARG B 120 -24.21 -11.88 -5.11
N ASP B 121 -23.40 -11.60 -6.13
CA ASP B 121 -22.57 -12.64 -6.77
C ASP B 121 -21.66 -13.40 -5.80
N GLU B 122 -21.56 -12.91 -4.56
CA GLU B 122 -20.71 -13.53 -3.55
C GLU B 122 -21.43 -14.51 -2.60
N LEU B 123 -22.75 -14.48 -2.62
CA LEU B 123 -23.56 -15.36 -1.77
C LEU B 123 -23.49 -16.84 -2.16
N THR B 124 -22.85 -17.12 -3.28
CA THR B 124 -22.67 -18.48 -3.75
C THR B 124 -21.48 -19.08 -2.99
N LYS B 125 -20.73 -18.23 -2.34
CA LYS B 125 -19.57 -18.69 -1.59
C LYS B 125 -19.95 -18.94 -0.14
N ASN B 126 -19.10 -19.66 0.56
CA ASN B 126 -19.36 -19.99 1.96
C ASN B 126 -19.01 -18.88 2.95
N GLN B 127 -18.27 -17.89 2.47
CA GLN B 127 -17.89 -16.75 3.27
C GLN B 127 -18.14 -15.51 2.44
N VAL B 128 -18.54 -14.43 3.10
CA VAL B 128 -18.83 -13.19 2.40
C VAL B 128 -18.05 -12.04 3.02
N SER B 129 -17.83 -10.99 2.24
CA SER B 129 -17.07 -9.84 2.72
C SER B 129 -17.88 -8.60 2.99
N LEU B 130 -17.72 -8.08 4.20
CA LEU B 130 -18.39 -6.87 4.61
C LEU B 130 -17.34 -5.76 4.45
N THR B 131 -17.72 -4.72 3.72
CA THR B 131 -16.86 -3.59 3.43
C THR B 131 -17.16 -2.34 4.24
N CYS B 132 -16.12 -1.60 4.59
CA CYS B 132 -16.30 -0.35 5.29
C CYS B 132 -15.44 0.67 4.55
N LEU B 133 -16.07 1.51 3.73
CA LEU B 133 -15.31 2.52 2.99
C LEU B 133 -15.15 3.70 3.90
N VAL B 134 -13.92 4.18 4.02
CA VAL B 134 -13.65 5.34 4.86
C VAL B 134 -12.96 6.34 3.94
N LYS B 135 -13.62 7.46 3.66
CA LYS B 135 -13.05 8.44 2.75
C LYS B 135 -12.98 9.88 3.22
N GLY B 136 -12.21 10.65 2.43
CA GLY B 136 -12.02 12.07 2.66
C GLY B 136 -11.42 12.53 3.98
N PHE B 137 -10.53 11.74 4.58
CA PHE B 137 -9.93 12.18 5.84
C PHE B 137 -8.51 12.68 5.65
N TYR B 138 -7.96 13.30 6.68
CA TYR B 138 -6.60 13.83 6.60
C TYR B 138 -6.15 14.33 7.99
N PRO B 139 -4.92 13.99 8.41
CA PRO B 139 -3.91 13.18 7.70
C PRO B 139 -4.28 11.70 7.63
N SER B 140 -3.47 10.95 6.89
CA SER B 140 -3.64 9.51 6.70
C SER B 140 -3.64 8.67 7.99
N ASP B 141 -3.22 9.26 9.12
CA ASP B 141 -3.20 8.52 10.38
C ASP B 141 -4.60 8.17 10.78
N ILE B 142 -4.90 6.88 10.78
CA ILE B 142 -6.23 6.45 11.09
C ILE B 142 -6.25 5.00 11.53
N ALA B 143 -7.32 4.63 12.23
CA ALA B 143 -7.46 3.28 12.73
C ALA B 143 -8.86 2.74 12.57
N VAL B 144 -8.96 1.67 11.80
CA VAL B 144 -10.22 1.00 11.55
C VAL B 144 -10.22 -0.39 12.19
N GLU B 145 -11.36 -0.75 12.80
CA GLU B 145 -11.57 -2.03 13.47
C GLU B 145 -13.03 -2.47 13.32
N TRP B 146 -13.28 -3.77 13.35
CA TRP B 146 -14.65 -4.27 13.28
C TRP B 146 -15.00 -5.01 14.56
N GLU B 147 -16.29 -5.13 14.81
CA GLU B 147 -16.80 -5.87 15.96
C GLU B 147 -18.25 -6.26 15.73
N SER B 148 -18.77 -7.15 16.58
CA SER B 148 -20.16 -7.60 16.49
C SER B 148 -20.53 -8.06 17.88
N ASN B 149 -21.78 -7.83 18.27
CA ASN B 149 -22.21 -8.29 19.57
C ASN B 149 -21.24 -7.77 20.64
N GLY B 150 -20.76 -6.54 20.48
CA GLY B 150 -19.83 -5.99 21.44
C GLY B 150 -18.41 -6.58 21.36
N GLN B 151 -18.31 -7.80 20.84
CA GLN B 151 -17.02 -8.48 20.72
C GLN B 151 -16.29 -8.09 19.45
N PRO B 152 -14.96 -8.07 19.51
CA PRO B 152 -14.18 -7.71 18.31
C PRO B 152 -14.04 -8.86 17.32
N GLU B 153 -14.41 -8.61 16.08
CA GLU B 153 -14.28 -9.60 15.01
C GLU B 153 -12.88 -9.38 14.53
N ASN B 154 -12.10 -10.43 14.33
CA ASN B 154 -10.75 -10.14 13.90
C ASN B 154 -10.32 -10.60 12.53
N ASN B 155 -11.21 -11.28 11.82
CA ASN B 155 -10.87 -11.73 10.48
C ASN B 155 -11.13 -10.63 9.44
N TYR B 156 -10.39 -9.53 9.55
CA TYR B 156 -10.51 -8.41 8.61
C TYR B 156 -9.13 -7.96 8.13
N LYS B 157 -9.10 -7.19 7.04
CA LYS B 157 -7.86 -6.68 6.47
C LYS B 157 -8.13 -5.32 5.87
N THR B 158 -7.60 -4.30 6.49
CA THR B 158 -7.79 -2.95 6.01
C THR B 158 -6.72 -2.59 4.98
N THR B 159 -7.06 -1.80 3.97
CA THR B 159 -6.04 -1.40 3.02
C THR B 159 -5.31 -0.18 3.63
N PRO B 160 -4.19 0.21 3.04
CA PRO B 160 -3.51 1.38 3.61
C PRO B 160 -4.07 2.66 2.97
N PRO B 161 -4.04 3.77 3.72
CA PRO B 161 -4.55 5.05 3.21
C PRO B 161 -4.18 5.31 1.76
N VAL B 162 -5.15 5.65 0.92
CA VAL B 162 -4.87 5.94 -0.49
C VAL B 162 -5.19 7.40 -0.74
N LEU B 163 -4.30 8.09 -1.43
CA LEU B 163 -4.53 9.49 -1.71
C LEU B 163 -5.57 9.61 -2.82
N ASP B 164 -6.62 10.38 -2.50
CA ASP B 164 -7.70 10.64 -3.43
C ASP B 164 -7.34 11.86 -4.25
N SER B 165 -8.11 12.11 -5.30
CA SER B 165 -7.89 13.25 -6.19
C SER B 165 -8.14 14.62 -5.54
N ASP B 166 -8.80 14.64 -4.40
CA ASP B 166 -9.07 15.91 -3.77
C ASP B 166 -8.07 16.21 -2.64
N GLY B 167 -6.97 15.47 -2.65
CA GLY B 167 -5.95 15.68 -1.65
C GLY B 167 -6.24 15.06 -0.29
N SER B 168 -7.32 14.30 -0.17
CA SER B 168 -7.64 13.65 1.08
C SER B 168 -7.38 12.18 0.89
N PHE B 169 -7.46 11.42 1.97
CA PHE B 169 -7.24 9.99 1.90
C PHE B 169 -8.53 9.21 2.06
N PHE B 170 -8.42 7.95 1.69
CA PHE B 170 -9.53 7.02 1.76
C PHE B 170 -8.93 5.62 1.76
N LEU B 171 -9.60 4.70 2.42
CA LEU B 171 -9.17 3.32 2.48
C LEU B 171 -10.43 2.46 2.44
N TYR B 172 -10.26 1.16 2.64
CA TYR B 172 -11.39 0.24 2.65
C TYR B 172 -10.98 -0.80 3.65
N SER B 173 -11.95 -1.38 4.36
CA SER B 173 -11.67 -2.44 5.31
C SER B 173 -12.60 -3.58 5.00
N LYS B 174 -12.01 -4.74 4.73
CA LYS B 174 -12.79 -5.92 4.40
C LYS B 174 -12.84 -6.93 5.55
N LEU B 175 -14.03 -7.08 6.15
CA LEU B 175 -14.23 -8.06 7.21
C LEU B 175 -14.79 -9.31 6.51
N THR B 176 -14.26 -10.48 6.82
CA THR B 176 -14.72 -11.70 6.16
C THR B 176 -15.47 -12.60 7.13
N VAL B 177 -16.70 -12.94 6.78
CA VAL B 177 -17.53 -13.79 7.63
C VAL B 177 -18.19 -14.94 6.90
N ASP B 178 -18.76 -15.84 7.71
CA ASP B 178 -19.47 -17.02 7.25
C ASP B 178 -20.82 -16.53 6.73
N LYS B 179 -21.18 -16.92 5.52
CA LYS B 179 -22.47 -16.50 4.95
C LYS B 179 -23.54 -16.66 6.03
N SER B 180 -23.49 -17.80 6.72
CA SER B 180 -24.42 -18.12 7.80
C SER B 180 -24.60 -17.00 8.82
N ARG B 181 -23.49 -16.50 9.35
CA ARG B 181 -23.56 -15.43 10.34
C ARG B 181 -24.20 -14.20 9.74
N TRP B 182 -23.90 -13.95 8.46
CA TRP B 182 -24.43 -12.79 7.79
C TRP B 182 -25.93 -12.90 7.54
N GLN B 183 -26.30 -13.89 6.73
CA GLN B 183 -27.69 -14.13 6.39
C GLN B 183 -28.58 -14.29 7.62
N GLN B 184 -27.98 -14.66 8.74
CA GLN B 184 -28.71 -14.85 10.00
C GLN B 184 -29.09 -13.52 10.59
N GLY B 185 -28.69 -12.46 9.89
CA GLY B 185 -28.99 -11.10 10.31
C GLY B 185 -28.20 -10.52 11.47
N ASN B 186 -27.08 -11.14 11.84
CA ASN B 186 -26.25 -10.63 12.94
C ASN B 186 -25.82 -9.20 12.56
N VAL B 187 -25.45 -8.39 13.55
CA VAL B 187 -25.03 -7.03 13.26
C VAL B 187 -23.56 -6.78 13.52
N PHE B 188 -22.91 -6.24 12.50
CA PHE B 188 -21.50 -5.92 12.56
C PHE B 188 -21.32 -4.43 12.52
N SER B 189 -20.23 -3.96 13.12
CA SER B 189 -19.95 -2.54 13.16
C SER B 189 -18.50 -2.21 12.85
N CYS B 190 -18.33 -1.22 11.98
CA CYS B 190 -17.02 -0.75 11.60
C CYS B 190 -16.73 0.51 12.38
N SER B 191 -15.73 0.49 13.25
CA SER B 191 -15.38 1.67 14.03
C SER B 191 -14.11 2.30 13.48
N VAL B 192 -14.12 3.63 13.46
CA VAL B 192 -12.99 4.36 12.96
C VAL B 192 -12.52 5.34 14.00
N MET B 193 -11.21 5.41 14.17
CA MET B 193 -10.61 6.32 15.11
C MET B 193 -9.73 7.26 14.32
N HIS B 194 -10.02 8.56 14.44
CA HIS B 194 -9.28 9.58 13.73
C HIS B 194 -9.32 10.87 14.54
N GLU B 195 -8.30 11.69 14.35
CA GLU B 195 -8.24 12.94 15.09
C GLU B 195 -9.37 13.92 14.75
N ALA B 196 -9.82 13.90 13.50
CA ALA B 196 -10.89 14.79 13.03
C ALA B 196 -12.30 14.30 13.34
N LEU B 197 -12.44 13.25 14.14
CA LEU B 197 -13.76 12.71 14.51
C LEU B 197 -14.07 13.17 15.90
N HIS B 198 -15.32 13.55 16.17
CA HIS B 198 -15.64 14.00 17.52
C HIS B 198 -15.31 12.85 18.43
N ASN B 199 -14.55 13.15 19.49
CA ASN B 199 -14.16 12.13 20.45
C ASN B 199 -13.23 11.09 19.81
N HIS B 200 -12.63 11.44 18.67
CA HIS B 200 -11.72 10.58 17.94
C HIS B 200 -12.29 9.21 17.61
N TYR B 201 -13.61 9.11 17.55
CA TYR B 201 -14.24 7.82 17.29
C TYR B 201 -15.64 7.88 16.70
N THR B 202 -15.95 6.89 15.87
CA THR B 202 -17.26 6.76 15.26
C THR B 202 -17.48 5.31 14.83
N GLN B 203 -18.74 4.96 14.61
CA GLN B 203 -19.09 3.60 14.23
C GLN B 203 -20.21 3.61 13.20
N LYS B 204 -20.34 2.52 12.48
CA LYS B 204 -21.35 2.39 11.45
C LYS B 204 -21.69 0.92 11.46
N SER B 205 -22.97 0.61 11.65
CA SER B 205 -23.35 -0.78 11.67
C SER B 205 -23.69 -1.29 10.30
N LEU B 206 -23.73 -2.61 10.18
CA LEU B 206 -24.02 -3.26 8.90
C LEU B 206 -24.65 -4.63 9.13
N SER B 207 -25.79 -4.87 8.47
CA SER B 207 -26.52 -6.13 8.60
C SER B 207 -27.46 -6.34 7.42
N LEU B 208 -28.32 -7.35 7.57
CA LEU B 208 -29.32 -7.73 6.56
C LEU B 208 -30.74 -7.31 7.01
N SER B 209 -31.33 -6.30 6.36
CA SER B 209 -32.68 -5.88 6.74
C SER B 209 -33.63 -7.08 6.79
N PHE C 1 -9.93 -2.53 -27.05
CA PHE C 1 -8.86 -3.26 -27.80
C PHE C 1 -9.44 -4.34 -28.72
N ASN C 2 -8.55 -4.97 -29.50
CA ASN C 2 -8.92 -6.02 -30.44
C ASN C 2 -9.12 -7.32 -29.67
N MET C 3 -10.31 -7.49 -29.09
CA MET C 3 -10.59 -8.68 -28.30
C MET C 3 -10.21 -9.97 -29.01
N GLN C 4 -10.25 -9.98 -30.35
CA GLN C 4 -9.91 -11.19 -31.07
C GLN C 4 -8.42 -11.59 -30.90
N CYS C 5 -7.51 -10.61 -30.97
CA CYS C 5 -6.07 -10.87 -30.82
C CYS C 5 -5.75 -11.32 -29.41
N GLN C 6 -6.47 -10.73 -28.47
CA GLN C 6 -6.33 -11.05 -27.06
C GLN C 6 -6.73 -12.52 -26.88
N ARG C 7 -7.74 -12.96 -27.63
CA ARG C 7 -8.21 -14.35 -27.54
C ARG C 7 -7.25 -15.33 -28.20
N ARG C 8 -6.79 -14.97 -29.39
CA ARG C 8 -5.87 -15.80 -30.14
C ARG C 8 -4.59 -15.93 -29.36
N PHE C 9 -4.23 -14.86 -28.66
CA PHE C 9 -3.03 -14.84 -27.86
C PHE C 9 -3.18 -15.82 -26.70
N TYR C 10 -4.20 -15.59 -25.88
CA TYR C 10 -4.49 -16.43 -24.71
C TYR C 10 -4.50 -17.90 -25.15
N GLU C 11 -5.27 -18.16 -26.19
CA GLU C 11 -5.39 -19.47 -26.77
C GLU C 11 -4.00 -20.08 -26.94
N ALA C 12 -3.19 -19.41 -27.74
CA ALA C 12 -1.83 -19.85 -28.03
C ALA C 12 -1.01 -20.14 -26.79
N LEU C 13 -0.96 -19.13 -25.94
CA LEU C 13 -0.23 -19.18 -24.68
C LEU C 13 -0.55 -20.39 -23.82
N HIS C 14 -1.80 -20.86 -23.93
CA HIS C 14 -2.26 -22.01 -23.16
C HIS C 14 -2.58 -23.24 -24.03
N ASP C 15 -2.06 -23.24 -25.25
CA ASP C 15 -2.26 -24.39 -26.13
C ASP C 15 -1.31 -25.45 -25.57
N PRO C 16 -1.87 -26.58 -25.08
CA PRO C 16 -1.02 -27.65 -24.52
C PRO C 16 -0.38 -28.45 -25.64
N ASN C 17 -0.85 -28.20 -26.86
CA ASN C 17 -0.36 -28.89 -28.04
C ASN C 17 1.01 -28.39 -28.51
N LEU C 18 1.27 -27.08 -28.41
CA LEU C 18 2.56 -26.55 -28.86
C LEU C 18 3.65 -26.65 -27.80
N ASN C 19 4.89 -26.38 -28.22
CA ASN C 19 6.06 -26.40 -27.34
C ASN C 19 6.56 -24.95 -27.28
N GLU C 20 7.54 -24.66 -26.41
CA GLU C 20 8.05 -23.30 -26.29
C GLU C 20 8.25 -22.63 -27.65
N GLU C 21 9.05 -23.26 -28.49
CA GLU C 21 9.35 -22.78 -29.83
C GLU C 21 8.10 -22.46 -30.68
N GLN C 22 7.25 -23.46 -30.85
CA GLN C 22 6.04 -23.31 -31.63
C GLN C 22 5.24 -22.18 -31.04
N ARG C 23 5.07 -22.22 -29.72
CA ARG C 23 4.31 -21.22 -28.99
C ARG C 23 4.78 -19.82 -29.38
N ASN C 24 6.01 -19.52 -28.99
CA ASN C 24 6.62 -18.22 -29.28
C ASN C 24 6.32 -17.81 -30.73
N ALA C 25 6.53 -18.76 -31.64
CA ALA C 25 6.29 -18.55 -33.06
C ALA C 25 4.84 -18.15 -33.33
N LYS C 26 3.90 -18.90 -32.75
CA LYS C 26 2.49 -18.63 -32.96
C LYS C 26 2.08 -17.30 -32.34
N ILE C 27 2.58 -17.03 -31.13
CA ILE C 27 2.28 -15.79 -30.43
C ILE C 27 2.76 -14.62 -31.28
N LYS C 28 4.04 -14.65 -31.63
CA LYS C 28 4.66 -13.60 -32.45
C LYS C 28 3.74 -13.25 -33.62
N SER C 29 3.34 -14.27 -34.37
CA SER C 29 2.45 -14.07 -35.52
C SER C 29 1.22 -13.25 -35.16
N ILE C 30 0.58 -13.59 -34.04
CA ILE C 30 -0.61 -12.85 -33.60
C ILE C 30 -0.25 -11.41 -33.25
N ARG C 31 0.99 -11.22 -32.81
CA ARG C 31 1.51 -9.90 -32.43
C ARG C 31 1.56 -8.99 -33.67
N ASP C 32 2.26 -9.47 -34.69
CA ASP C 32 2.40 -8.74 -35.94
C ASP C 32 1.04 -8.53 -36.65
N ASP C 33 0.19 -9.56 -36.60
CA ASP C 33 -1.13 -9.52 -37.24
C ASP C 33 -1.97 -8.35 -36.73
N CYS C 34 -1.64 -7.88 -35.53
CA CYS C 34 -2.36 -6.76 -34.92
C CYS C 34 -1.55 -6.23 -33.73
N PHE D 1 -13.66 -0.27 26.54
CA PHE D 1 -12.91 0.95 26.96
C PHE D 1 -13.87 2.05 27.37
N ASN D 2 -13.57 2.70 28.48
CA ASN D 2 -14.42 3.77 28.97
C ASN D 2 -14.75 4.80 27.92
N MET D 3 -16.03 4.89 27.58
CA MET D 3 -16.46 5.84 26.59
C MET D 3 -16.40 7.22 27.24
N GLN D 4 -16.41 7.25 28.58
CA GLN D 4 -16.36 8.52 29.29
C GLN D 4 -15.00 9.21 29.31
N CYS D 5 -13.92 8.45 29.47
CA CYS D 5 -12.57 9.03 29.49
C CYS D 5 -12.17 9.57 28.12
N GLN D 6 -12.66 8.91 27.08
CA GLN D 6 -12.39 9.36 25.74
C GLN D 6 -13.08 10.72 25.53
N ARG D 7 -14.24 10.91 26.17
CA ARG D 7 -15.01 12.15 26.08
C ARG D 7 -14.35 13.32 26.79
N ARG D 8 -13.86 13.05 28.01
CA ARG D 8 -13.19 14.04 28.84
C ARG D 8 -11.84 14.38 28.26
N PHE D 9 -11.23 13.41 27.58
CA PHE D 9 -9.94 13.61 26.95
C PHE D 9 -10.12 14.50 25.72
N TYR D 10 -11.01 14.11 24.80
CA TYR D 10 -11.24 14.90 23.59
C TYR D 10 -11.59 16.29 24.06
N GLU D 11 -12.48 16.34 25.03
CA GLU D 11 -12.95 17.58 25.63
C GLU D 11 -11.77 18.45 26.02
N ALA D 12 -11.01 18.02 27.01
CA ALA D 12 -9.85 18.76 27.49
C ALA D 12 -8.88 19.16 26.37
N LEU D 13 -8.74 18.25 25.41
CA LEU D 13 -7.85 18.45 24.27
C LEU D 13 -8.22 19.69 23.45
N HIS D 14 -9.51 19.93 23.28
CA HIS D 14 -9.98 21.06 22.48
C HIS D 14 -10.54 22.21 23.29
N ASP D 15 -10.35 22.16 24.60
CA ASP D 15 -10.84 23.23 25.45
C ASP D 15 -10.07 24.47 25.01
N PRO D 16 -10.77 25.51 24.51
CA PRO D 16 -10.06 26.71 24.10
C PRO D 16 -9.73 27.62 25.28
N ASN D 17 -10.28 27.28 26.43
CA ASN D 17 -10.05 28.08 27.64
C ASN D 17 -8.74 27.76 28.36
N LEU D 18 -8.23 26.53 28.21
CA LEU D 18 -6.98 26.16 28.87
C LEU D 18 -5.76 26.36 27.99
N ASN D 19 -4.63 26.64 28.64
CA ASN D 19 -3.37 26.85 27.93
C ASN D 19 -2.60 25.55 27.92
N GLU D 20 -1.49 25.50 27.18
CA GLU D 20 -0.70 24.28 27.12
C GLU D 20 -0.52 23.66 28.51
N GLU D 21 -0.07 24.46 29.48
CA GLU D 21 0.16 23.95 30.82
C GLU D 21 -1.06 23.32 31.48
N GLN D 22 -2.17 24.03 31.44
CA GLN D 22 -3.40 23.55 32.06
C GLN D 22 -3.91 22.30 31.37
N ARG D 23 -3.97 22.35 30.05
CA ARG D 23 -4.44 21.24 29.26
C ARG D 23 -3.70 19.97 29.66
N ASN D 24 -2.36 20.03 29.59
CA ASN D 24 -1.55 18.88 29.95
C ASN D 24 -2.02 18.36 31.28
N ALA D 25 -2.04 19.24 32.27
CA ALA D 25 -2.47 18.91 33.61
C ALA D 25 -3.84 18.23 33.65
N LYS D 26 -4.83 18.84 33.02
CA LYS D 26 -6.18 18.27 32.99
C LYS D 26 -6.20 16.92 32.30
N ILE D 27 -5.43 16.79 31.23
CA ILE D 27 -5.34 15.55 30.48
C ILE D 27 -4.67 14.47 31.31
N LYS D 28 -3.54 14.80 31.91
CA LYS D 28 -2.83 13.84 32.72
C LYS D 28 -3.81 13.23 33.71
N SER D 29 -4.54 14.10 34.38
CA SER D 29 -5.53 13.69 35.38
C SER D 29 -6.51 12.67 34.82
N ILE D 30 -7.05 12.94 33.64
CA ILE D 30 -7.99 12.03 33.00
C ILE D 30 -7.31 10.68 32.80
N ARG D 31 -6.02 10.73 32.45
CA ARG D 31 -5.20 9.55 32.22
C ARG D 31 -5.11 8.66 33.47
N ASP D 32 -4.73 9.27 34.59
CA ASP D 32 -4.59 8.57 35.87
C ASP D 32 -5.92 8.07 36.44
N ASP D 33 -7.00 8.76 36.11
CA ASP D 33 -8.33 8.39 36.59
C ASP D 33 -8.79 7.10 35.93
N CYS D 34 -8.29 6.83 34.73
CA CYS D 34 -8.64 5.63 34.00
C CYS D 34 -7.56 5.34 32.95
#